data_3GYL
#
_entry.id   3GYL
#
_cell.length_a   54.112
_cell.length_b   54.039
_cell.length_c   82.553
_cell.angle_alpha   90.00
_cell.angle_beta   90.00
_cell.angle_gamma   90.00
#
_symmetry.space_group_name_H-M   'P 21 21 21'
#
loop_
_entity.id
_entity.type
_entity.pdbx_description
1 polymer Prostasin
2 non-polymer 'CALCIUM ION'
3 non-polymer GLYCEROL
4 water water
#
_entity_poly.entity_id   1
_entity_poly.type   'polypeptide(L)'
_entity_poly.pdbx_seq_one_letter_code
;ITGGSSAVAGQWPWQVSITYEGVHVCGGSLVSEQWVLSAAHCFPSEHHKEAYEVKLGAHQLDSYSEDAKVSTLKDIIPHP
SYLQEGSQGDIALLQLSRPITFSRYIRPISLPAAQASFPNGLHCTVTGWGHVAPSVSLLTPKPLQQLEVPLISRETCNSL
YNIDAKPEEPHFVQEDMVCAGYVEGGKDACQGDSGGPLSCPVEGLWYLTGIVSWGDACGARNRPGVYTLASSYASWIQSK
VTELQPRVVPQTQESQPDSNL
;
_entity_poly.pdbx_strand_id   B
#
loop_
_chem_comp.id
_chem_comp.type
_chem_comp.name
_chem_comp.formula
CA non-polymer 'CALCIUM ION' 'Ca 2'
GOL non-polymer GLYCEROL 'C3 H8 O3'
#
# COMPACT_ATOMS: atom_id res chain seq x y z
N ILE A 1 -8.27 -5.44 -5.73
CA ILE A 1 -8.36 -6.62 -4.84
C ILE A 1 -9.27 -7.66 -5.46
N THR A 2 -8.76 -8.88 -5.59
CA THR A 2 -9.58 -9.98 -6.14
C THR A 2 -9.91 -10.92 -5.00
N GLY A 3 -11.16 -11.32 -4.95
CA GLY A 3 -11.62 -12.30 -3.97
C GLY A 3 -11.94 -11.68 -2.60
N GLY A 4 -12.02 -10.34 -2.52
CA GLY A 4 -12.30 -9.65 -1.28
C GLY A 4 -13.75 -9.24 -1.21
N SER A 5 -14.02 -8.20 -0.45
CA SER A 5 -15.37 -7.66 -0.34
C SER A 5 -15.29 -6.17 -0.23
N SER A 6 -16.41 -5.50 -0.39
CA SER A 6 -16.44 -4.06 -0.15
C SER A 6 -16.25 -3.75 1.30
N ALA A 7 -15.35 -2.85 1.62
CA ALA A 7 -15.34 -2.27 2.96
C ALA A 7 -16.56 -1.37 3.11
N VAL A 8 -16.75 -0.87 4.32
CA VAL A 8 -17.75 0.17 4.52
CA VAL A 8 -17.74 0.15 4.61
C VAL A 8 -17.04 1.51 4.66
N ALA A 9 -17.73 2.58 4.28
CA ALA A 9 -17.11 3.88 4.35
C ALA A 9 -16.57 4.13 5.78
N GLY A 10 -15.35 4.65 5.80
CA GLY A 10 -14.72 5.02 7.06
C GLY A 10 -14.01 3.88 7.75
N GLN A 11 -14.10 2.66 7.20
CA GLN A 11 -13.54 1.52 7.89
C GLN A 11 -11.99 1.56 7.91
N TRP A 12 -11.40 2.11 6.85
CA TRP A 12 -9.97 2.07 6.67
C TRP A 12 -9.55 3.50 6.38
N PRO A 13 -9.64 4.39 7.39
CA PRO A 13 -9.60 5.82 7.07
C PRO A 13 -8.23 6.39 6.80
N TRP A 14 -7.21 5.53 6.85
CA TRP A 14 -5.85 5.87 6.36
C TRP A 14 -5.64 5.57 4.90
N GLN A 15 -6.55 4.85 4.27
CA GLN A 15 -6.36 4.45 2.88
C GLN A 15 -6.52 5.67 1.98
N VAL A 16 -5.56 5.85 1.10
CA VAL A 16 -5.61 6.96 0.15
C VAL A 16 -5.50 6.42 -1.25
N SER A 17 -6.03 7.16 -2.22
CA SER A 17 -5.88 6.89 -3.61
C SER A 17 -4.78 7.81 -4.18
N ILE A 18 -3.79 7.29 -4.91
CA ILE A 18 -2.84 8.15 -5.55
CA ILE A 18 -2.76 8.07 -5.55
C ILE A 18 -3.06 8.08 -7.03
N THR A 19 -3.21 9.28 -7.61
CA THR A 19 -3.48 9.35 -9.02
C THR A 19 -2.31 10.02 -9.72
N TYR A 20 -2.16 9.70 -11.00
CA TYR A 20 -1.15 10.32 -11.83
C TYR A 20 -1.87 10.79 -13.09
N GLU A 21 -1.78 12.10 -13.36
CA GLU A 21 -2.57 12.67 -14.48
C GLU A 21 -4.02 12.27 -14.37
N GLY A 22 -4.55 12.29 -13.15
CA GLY A 22 -5.96 12.10 -12.93
C GLY A 22 -6.43 10.66 -12.89
N VAL A 23 -5.54 9.70 -13.12
CA VAL A 23 -5.92 8.29 -13.10
C VAL A 23 -5.37 7.63 -11.83
N HIS A 24 -6.26 6.92 -11.13
CA HIS A 24 -5.77 6.15 -9.98
C HIS A 24 -4.70 5.15 -10.43
N VAL A 25 -3.54 5.20 -9.79
CA VAL A 25 -2.47 4.25 -10.11
C VAL A 25 -2.04 3.42 -8.88
N CYS A 26 -2.20 3.93 -7.64
N CYS A 26 -2.22 3.90 -7.66
CA CYS A 26 -1.69 3.22 -6.46
CA CYS A 26 -1.80 3.08 -6.52
C CYS A 26 -2.48 3.56 -5.25
C CYS A 26 -2.44 3.57 -5.26
N GLY A 27 -2.35 2.75 -4.24
CA GLY A 27 -2.80 3.11 -2.90
C GLY A 27 -1.67 3.75 -2.12
N GLY A 28 -2.07 4.21 -0.95
CA GLY A 28 -1.11 4.73 0.05
C GLY A 28 -1.79 4.77 1.39
N SER A 29 -1.04 5.18 2.41
CA SER A 29 -1.52 5.21 3.75
C SER A 29 -1.21 6.53 4.42
N LEU A 30 -2.19 7.26 4.91
CA LEU A 30 -1.96 8.44 5.68
C LEU A 30 -1.29 8.14 7.00
N VAL A 31 -0.19 8.83 7.28
CA VAL A 31 0.51 8.60 8.54
C VAL A 31 0.66 9.81 9.45
N SER A 32 0.30 10.98 8.95
CA SER A 32 0.19 12.16 9.79
C SER A 32 -0.62 13.17 9.00
N GLU A 33 -0.69 14.40 9.46
CA GLU A 33 -1.50 15.44 8.82
C GLU A 33 -0.94 15.80 7.47
N GLN A 34 0.33 15.51 7.20
CA GLN A 34 0.90 15.96 5.95
C GLN A 34 1.73 14.90 5.29
N TRP A 35 1.75 13.67 5.80
CA TRP A 35 2.60 12.65 5.18
C TRP A 35 1.82 11.39 4.92
N VAL A 36 2.16 10.79 3.78
CA VAL A 36 1.58 9.54 3.33
C VAL A 36 2.72 8.59 3.01
N LEU A 37 2.52 7.32 3.27
CA LEU A 37 3.45 6.28 2.81
C LEU A 37 2.88 5.50 1.68
N SER A 38 3.68 5.28 0.66
CA SER A 38 3.28 4.39 -0.45
C SER A 38 4.50 3.62 -0.87
N ALA A 39 4.46 3.01 -2.05
CA ALA A 39 5.58 2.21 -2.54
C ALA A 39 6.42 3.06 -3.44
N ALA A 40 7.73 2.87 -3.40
CA ALA A 40 8.59 3.58 -4.33
C ALA A 40 8.29 3.25 -5.80
N HIS A 41 7.82 2.04 -6.09
CA HIS A 41 7.58 1.72 -7.49
C HIS A 41 6.46 2.55 -8.06
N CYS A 42 5.68 3.21 -7.24
CA CYS A 42 4.59 4.02 -7.75
CA CYS A 42 4.58 4.00 -7.76
C CYS A 42 5.06 5.36 -8.22
N PHE A 43 6.36 5.66 -8.03
CA PHE A 43 6.91 6.99 -8.30
C PHE A 43 8.14 6.89 -9.19
N PRO A 44 7.94 6.48 -10.43
CA PRO A 44 9.09 6.42 -11.34
C PRO A 44 9.64 7.83 -11.57
N SER A 45 10.96 7.87 -11.81
CA SER A 45 11.66 9.14 -11.96
C SER A 45 11.15 9.95 -13.14
N GLU A 46 10.64 9.31 -14.19
CA GLU A 46 10.23 10.08 -15.36
C GLU A 46 8.92 10.80 -15.08
N HIS A 47 8.18 10.39 -14.04
CA HIS A 47 6.95 11.06 -13.74
C HIS A 47 7.21 12.42 -13.12
N HIS A 48 6.20 13.23 -13.32
CA HIS A 48 6.25 14.62 -12.86
CA HIS A 48 6.14 14.61 -12.98
C HIS A 48 5.48 14.79 -11.59
N LYS A 49 6.13 15.35 -10.59
CA LYS A 49 5.57 15.50 -9.25
C LYS A 49 4.22 16.19 -9.30
N GLU A 50 4.14 17.26 -10.12
CA GLU A 50 2.93 18.12 -10.17
CA GLU A 50 2.97 18.11 -10.14
C GLU A 50 1.77 17.42 -10.77
N ALA A 51 1.98 16.25 -11.36
CA ALA A 51 0.89 15.50 -11.94
C ALA A 51 0.22 14.48 -11.00
N TYR A 52 0.74 14.36 -9.78
CA TYR A 52 0.14 13.41 -8.80
C TYR A 52 -0.92 14.09 -7.94
N GLU A 53 -1.90 13.32 -7.51
CA GLU A 53 -2.79 13.77 -6.45
C GLU A 53 -2.95 12.65 -5.51
N VAL A 54 -3.40 13.00 -4.31
CA VAL A 54 -3.77 12.01 -3.31
C VAL A 54 -5.18 12.35 -2.87
N LYS A 55 -6.04 11.33 -2.90
CA LYS A 55 -7.43 11.50 -2.44
C LYS A 55 -7.61 10.74 -1.15
N LEU A 56 -8.06 11.48 -0.16
CA LEU A 56 -8.22 10.98 1.19
C LEU A 56 -9.68 10.94 1.54
N GLY A 57 -10.08 10.09 2.45
CA GLY A 57 -11.43 10.13 2.96
C GLY A 57 -12.44 9.52 2.00
N ALA A 58 -11.98 8.77 1.00
CA ALA A 58 -12.87 8.22 -0.02
C ALA A 58 -13.31 6.82 0.30
N HIS A 59 -14.53 6.51 -0.11
CA HIS A 59 -15.00 5.16 -0.03
C HIS A 59 -15.26 4.69 -1.46
N GLN A 60 -16.24 5.28 -2.14
CA GLN A 60 -16.48 4.99 -3.54
C GLN A 60 -15.72 6.00 -4.37
N LEU A 61 -14.67 5.60 -5.06
CA LEU A 61 -13.83 6.60 -5.71
C LEU A 61 -14.58 7.48 -6.66
N ASP A 62 -15.55 6.93 -7.38
CA ASP A 62 -16.20 7.75 -8.41
C ASP A 62 -17.38 8.52 -7.90
N SER A 63 -17.70 8.42 -6.63
CA SER A 63 -18.88 9.10 -6.10
C SER A 63 -18.52 10.45 -5.52
N TYR A 64 -19.45 11.41 -5.66
CA TYR A 64 -19.36 12.65 -4.91
C TYR A 64 -19.34 12.39 -3.41
N SER A 65 -18.42 13.03 -2.70
CA SER A 65 -18.42 12.94 -1.28
C SER A 65 -17.95 14.22 -0.68
N GLU A 66 -18.68 14.71 0.32
CA GLU A 66 -18.24 15.89 0.96
C GLU A 66 -17.15 15.58 1.98
N ASP A 67 -16.90 14.28 2.24
CA ASP A 67 -15.90 13.94 3.24
C ASP A 67 -14.52 13.71 2.60
N ALA A 68 -14.49 13.43 1.32
CA ALA A 68 -13.21 13.20 0.67
C ALA A 68 -12.49 14.52 0.39
N LYS A 69 -11.17 14.43 0.34
CA LYS A 69 -10.29 15.59 0.17
CA LYS A 69 -10.30 15.59 0.16
C LYS A 69 -9.20 15.21 -0.80
N VAL A 70 -8.84 16.12 -1.69
CA VAL A 70 -7.77 15.84 -2.65
C VAL A 70 -6.67 16.85 -2.45
N SER A 71 -5.44 16.36 -2.53
CA SER A 71 -4.21 17.11 -2.31
CA SER A 71 -4.27 17.17 -2.35
C SER A 71 -3.23 16.86 -3.42
N THR A 72 -2.39 17.85 -3.70
CA THR A 72 -1.18 17.61 -4.46
C THR A 72 0.00 17.31 -3.51
N LEU A 73 1.15 17.06 -4.08
CA LEU A 73 2.33 16.73 -3.28
C LEU A 73 3.40 17.79 -3.37
N LYS A 74 4.03 18.14 -2.24
CA LYS A 74 5.18 19.03 -2.32
C LYS A 74 6.49 18.25 -2.27
N ASP A 75 6.47 16.98 -1.89
CA ASP A 75 7.74 16.20 -1.89
C ASP A 75 7.39 14.71 -2.09
N ILE A 76 8.23 14.02 -2.86
CA ILE A 76 8.15 12.60 -3.02
C ILE A 76 9.53 12.06 -2.74
N ILE A 77 9.59 11.20 -1.73
CA ILE A 77 10.87 10.71 -1.22
C ILE A 77 10.89 9.19 -1.23
N PRO A 78 11.31 8.61 -2.35
CA PRO A 78 11.52 7.15 -2.35
CA PRO A 78 11.51 7.16 -2.35
C PRO A 78 12.70 6.77 -1.47
N HIS A 79 12.66 5.61 -0.86
CA HIS A 79 13.86 5.25 -0.11
C HIS A 79 15.03 5.15 -1.08
N PRO A 80 16.21 5.65 -0.72
CA PRO A 80 17.31 5.66 -1.70
C PRO A 80 17.83 4.28 -2.11
N SER A 81 17.50 3.25 -1.37
CA SER A 81 17.92 1.90 -1.79
C SER A 81 17.06 1.27 -2.89
N TYR A 82 15.95 1.92 -3.23
CA TYR A 82 15.09 1.36 -4.26
C TYR A 82 15.69 1.60 -5.62
N LEU A 83 16.01 0.51 -6.30
N LEU A 83 16.07 0.55 -6.31
CA LEU A 83 16.84 0.62 -7.52
CA LEU A 83 16.69 0.79 -7.61
C LEU A 83 16.14 0.31 -8.83
C LEU A 83 15.63 0.56 -8.68
N GLN A 84 15.20 -0.65 -8.79
CA GLN A 84 14.48 -1.13 -9.96
C GLN A 84 13.34 -2.02 -9.52
N GLU A 85 12.50 -2.41 -10.45
CA GLU A 85 11.39 -3.27 -10.13
C GLU A 85 11.83 -4.51 -9.33
N GLY A 86 11.19 -4.77 -8.19
CA GLY A 86 11.51 -5.91 -7.31
C GLY A 86 12.53 -5.65 -6.21
N SER A 87 13.17 -4.49 -6.30
CA SER A 87 14.21 -4.08 -5.32
C SER A 87 13.69 -3.94 -3.87
N GLN A 88 14.59 -4.14 -2.92
CA GLN A 88 14.33 -3.71 -1.54
C GLN A 88 14.17 -2.18 -1.57
N GLY A 89 13.71 -1.65 -0.45
CA GLY A 89 13.47 -0.20 -0.31
C GLY A 89 12.24 0.29 -1.01
N ASP A 90 11.28 -0.58 -1.22
CA ASP A 90 10.11 -0.18 -2.02
C ASP A 90 9.08 0.52 -1.15
N ILE A 91 9.44 1.75 -0.78
CA ILE A 91 8.67 2.60 0.08
C ILE A 91 8.98 4.05 -0.32
N ALA A 92 7.98 4.89 -0.14
CA ALA A 92 8.12 6.29 -0.43
C ALA A 92 7.36 7.10 0.56
N LEU A 93 8.00 8.14 1.08
CA LEU A 93 7.30 9.15 1.87
C LEU A 93 6.85 10.25 0.96
N LEU A 94 5.59 10.61 1.07
CA LEU A 94 4.96 11.70 0.27
C LEU A 94 4.50 12.76 1.19
N GLN A 95 4.93 13.97 0.90
CA GLN A 95 4.49 15.11 1.73
C GLN A 95 3.43 15.86 0.97
N LEU A 96 2.24 15.99 1.55
CA LEU A 96 1.17 16.73 0.88
C LEU A 96 1.57 18.19 0.78
N SER A 97 0.96 18.89 -0.17
CA SER A 97 1.32 20.29 -0.40
C SER A 97 0.97 21.11 0.80
N ARG A 98 -0.13 20.77 1.45
CA ARG A 98 -0.57 21.43 2.66
C ARG A 98 -1.06 20.34 3.62
N PRO A 99 -1.02 20.60 4.92
CA PRO A 99 -1.57 19.60 5.85
C PRO A 99 -3.06 19.51 5.70
N ILE A 100 -3.59 18.34 6.00
CA ILE A 100 -5.03 18.15 6.00
C ILE A 100 -5.53 18.11 7.42
N THR A 101 -6.84 18.08 7.58
CA THR A 101 -7.42 18.00 8.89
C THR A 101 -8.05 16.62 9.00
N PHE A 102 -7.70 15.94 10.10
CA PHE A 102 -8.30 14.62 10.31
C PHE A 102 -9.80 14.74 10.51
N SER A 103 -10.52 13.69 10.19
CA SER A 103 -11.98 13.69 10.33
C SER A 103 -12.41 12.28 10.60
N ARG A 104 -13.71 12.06 10.61
CA ARG A 104 -14.36 10.73 10.70
CA ARG A 104 -14.12 10.68 10.86
C ARG A 104 -13.82 9.79 9.66
N TYR A 105 -13.44 10.34 8.52
CA TYR A 105 -13.10 9.56 7.34
C TYR A 105 -11.63 9.63 6.97
N ILE A 106 -10.86 10.46 7.68
CA ILE A 106 -9.46 10.68 7.33
C ILE A 106 -8.68 10.63 8.61
N ARG A 107 -7.92 9.56 8.81
CA ARG A 107 -7.20 9.35 10.06
C ARG A 107 -5.92 8.63 9.71
N PRO A 108 -4.86 8.91 10.43
CA PRO A 108 -3.58 8.26 10.17
C PRO A 108 -3.55 6.87 10.80
N ILE A 109 -2.72 6.02 10.22
CA ILE A 109 -2.47 4.71 10.81
C ILE A 109 -1.15 4.75 11.57
N SER A 110 -1.12 4.08 12.71
CA SER A 110 0.07 4.00 13.50
C SER A 110 1.15 3.17 12.80
N LEU A 111 2.39 3.64 12.91
CA LEU A 111 3.52 2.91 12.34
C LEU A 111 4.16 2.00 13.40
N PRO A 112 4.55 0.82 13.00
CA PRO A 112 5.22 -0.09 13.91
C PRO A 112 6.66 0.33 14.22
N ALA A 113 7.10 -0.14 15.40
CA ALA A 113 8.50 -0.02 15.78
C ALA A 113 9.37 -0.79 14.82
N ALA A 114 10.64 -0.43 14.75
CA ALA A 114 11.59 -1.18 13.96
C ALA A 114 11.60 -2.64 14.30
N GLN A 115 11.51 -2.96 15.59
CA GLN A 115 11.57 -4.37 16.00
C GLN A 115 10.22 -4.95 16.35
N ALA A 116 9.15 -4.34 15.86
CA ALA A 116 7.82 -4.95 16.05
C ALA A 116 7.76 -6.20 15.21
N SER A 117 7.34 -7.30 15.81
CA SER A 117 7.10 -8.50 15.00
CA SER A 117 7.12 -8.54 15.09
C SER A 117 5.61 -8.77 14.94
N PHE A 118 5.18 -9.06 13.76
CA PHE A 118 3.79 -9.44 13.47
C PHE A 118 3.91 -10.90 13.12
N PRO A 119 3.28 -11.75 13.93
CA PRO A 119 3.53 -13.18 13.77
C PRO A 119 2.94 -13.82 12.51
N ASN A 120 3.63 -14.85 12.02
CA ASN A 120 3.10 -15.68 10.97
C ASN A 120 1.68 -16.04 11.32
N GLY A 121 0.79 -15.95 10.32
CA GLY A 121 -0.59 -16.33 10.50
C GLY A 121 -1.50 -15.21 11.01
N LEU A 122 -0.97 -14.08 11.42
CA LEU A 122 -1.85 -13.01 11.87
C LEU A 122 -2.76 -12.56 10.77
N HIS A 123 -4.05 -12.40 11.07
CA HIS A 123 -4.99 -12.00 10.00
C HIS A 123 -5.01 -10.49 9.85
N CYS A 124 -4.34 -10.02 8.82
CA CYS A 124 -4.32 -8.61 8.50
C CYS A 124 -5.23 -8.40 7.32
N THR A 125 -5.42 -7.12 6.98
CA THR A 125 -6.30 -6.77 5.87
C THR A 125 -5.57 -5.88 4.89
N VAL A 126 -5.64 -6.22 3.62
CA VAL A 126 -5.15 -5.37 2.57
C VAL A 126 -6.36 -4.75 1.89
N THR A 127 -6.21 -3.48 1.50
CA THR A 127 -7.31 -2.71 0.93
C THR A 127 -6.85 -2.02 -0.32
N GLY A 128 -7.79 -1.72 -1.22
CA GLY A 128 -7.48 -0.91 -2.40
C GLY A 128 -8.58 -0.87 -3.39
N TRP A 129 -8.33 -0.04 -4.40
CA TRP A 129 -9.25 0.19 -5.52
C TRP A 129 -8.66 -0.37 -6.81
N GLY A 130 -7.73 -1.33 -6.71
CA GLY A 130 -7.15 -1.99 -7.87
C GLY A 130 -8.10 -2.98 -8.48
N HIS A 131 -7.56 -3.67 -9.48
CA HIS A 131 -8.35 -4.60 -10.28
C HIS A 131 -8.96 -5.69 -9.43
N VAL A 132 -10.15 -6.13 -9.85
CA VAL A 132 -10.84 -7.19 -9.11
C VAL A 132 -10.58 -8.58 -9.71
N ALA A 133 -9.81 -8.62 -10.81
CA ALA A 133 -9.38 -9.89 -11.42
C ALA A 133 -8.37 -9.45 -12.47
N PRO A 134 -7.58 -10.37 -13.02
CA PRO A 134 -6.61 -9.95 -14.03
C PRO A 134 -7.30 -9.18 -15.14
N SER A 135 -6.79 -7.98 -15.37
CA SER A 135 -7.27 -7.08 -16.43
C SER A 135 -8.72 -6.68 -16.29
N VAL A 136 -9.26 -6.76 -15.09
CA VAL A 136 -10.63 -6.34 -14.88
C VAL A 136 -10.65 -5.26 -13.80
N SER A 137 -10.95 -4.03 -14.17
CA SER A 137 -11.02 -2.94 -13.23
CA SER A 137 -10.99 -2.97 -13.19
C SER A 137 -12.21 -3.12 -12.27
N LEU A 138 -12.03 -2.60 -11.06
CA LEU A 138 -13.15 -2.46 -10.12
C LEU A 138 -14.22 -1.59 -10.81
N LEU A 139 -15.46 -2.05 -10.79
CA LEU A 139 -16.52 -1.34 -11.50
C LEU A 139 -16.93 -0.07 -10.75
N THR A 140 -17.29 0.95 -11.49
CA THR A 140 -17.80 2.18 -10.91
C THR A 140 -19.01 1.79 -10.05
N PRO A 141 -19.25 2.44 -8.89
CA PRO A 141 -18.58 3.65 -8.42
C PRO A 141 -17.31 3.36 -7.60
N LYS A 142 -16.76 2.12 -7.69
CA LYS A 142 -15.48 1.79 -7.06
CA LYS A 142 -15.48 1.76 -7.07
C LYS A 142 -15.46 1.90 -5.55
N PRO A 143 -16.30 1.12 -4.86
CA PRO A 143 -16.20 1.05 -3.39
C PRO A 143 -14.89 0.42 -3.01
N LEU A 144 -14.21 0.91 -2.00
CA LEU A 144 -12.95 0.32 -1.54
C LEU A 144 -13.14 -1.13 -1.22
N GLN A 145 -12.22 -1.96 -1.74
CA GLN A 145 -12.23 -3.39 -1.46
C GLN A 145 -11.23 -3.73 -0.34
N GLN A 146 -11.52 -4.83 0.35
CA GLN A 146 -10.67 -5.31 1.43
C GLN A 146 -10.63 -6.82 1.36
N LEU A 147 -9.51 -7.33 1.84
CA LEU A 147 -9.25 -8.76 1.81
C LEU A 147 -8.48 -9.11 3.08
N GLU A 148 -9.02 -10.04 3.86
CA GLU A 148 -8.30 -10.53 5.02
C GLU A 148 -7.33 -11.60 4.60
N VAL A 149 -6.07 -11.45 5.03
CA VAL A 149 -4.96 -12.30 4.58
C VAL A 149 -4.09 -12.63 5.78
N PRO A 150 -3.73 -13.90 5.96
CA PRO A 150 -2.83 -14.26 7.05
C PRO A 150 -1.40 -13.94 6.62
N LEU A 151 -0.57 -13.49 7.53
CA LEU A 151 0.84 -13.22 7.22
C LEU A 151 1.56 -14.52 6.92
N ILE A 152 2.41 -14.47 5.89
CA ILE A 152 3.21 -15.60 5.43
C ILE A 152 4.66 -15.15 5.45
N SER A 153 5.54 -15.87 6.13
CA SER A 153 6.93 -15.46 6.21
CA SER A 153 6.95 -15.50 6.21
C SER A 153 7.56 -15.34 4.84
N ARG A 154 8.58 -14.46 4.76
CA ARG A 154 9.25 -14.30 3.51
C ARG A 154 9.91 -15.63 3.05
N GLU A 155 10.33 -16.50 3.97
CA GLU A 155 10.93 -17.78 3.58
C GLU A 155 9.93 -18.69 2.95
N THR A 156 8.75 -18.81 3.52
CA THR A 156 7.74 -19.63 2.88
CA THR A 156 7.72 -19.65 2.91
C THR A 156 7.34 -19.02 1.58
N CYS A 157 7.21 -17.68 1.58
CA CYS A 157 6.76 -17.02 0.38
C CYS A 157 7.77 -17.23 -0.78
N ASN A 158 9.06 -17.13 -0.49
CA ASN A 158 10.04 -17.30 -1.57
C ASN A 158 9.90 -18.71 -2.18
N SER A 159 9.64 -19.72 -1.33
CA SER A 159 9.49 -21.08 -1.89
C SER A 159 8.19 -21.21 -2.70
N LEU A 160 7.11 -20.52 -2.34
CA LEU A 160 5.92 -20.53 -3.15
C LEU A 160 6.16 -19.87 -4.49
N TYR A 161 6.88 -18.74 -4.48
CA TYR A 161 7.12 -18.04 -5.72
C TYR A 161 8.04 -18.81 -6.64
N ASN A 162 8.80 -19.77 -6.10
CA ASN A 162 9.57 -20.65 -6.97
C ASN A 162 8.72 -21.64 -7.77
N ILE A 163 7.47 -21.89 -7.34
CA ILE A 163 6.71 -22.97 -7.96
C ILE A 163 6.20 -22.45 -9.32
N ASP A 164 6.53 -23.19 -10.39
CA ASP A 164 6.14 -22.82 -11.75
C ASP A 164 6.53 -21.39 -12.08
N ALA A 165 7.68 -20.95 -11.59
CA ALA A 165 8.14 -19.59 -11.83
C ALA A 165 8.72 -19.45 -13.22
N LYS A 166 8.75 -18.21 -13.68
CA LYS A 166 9.39 -17.93 -14.95
C LYS A 166 10.86 -17.84 -14.64
N PRO A 167 11.66 -18.58 -15.40
CA PRO A 167 13.09 -18.67 -15.07
C PRO A 167 13.76 -17.30 -15.11
N GLU A 168 13.33 -16.44 -16.01
CA GLU A 168 13.97 -15.14 -16.19
C GLU A 168 13.53 -14.09 -15.16
N GLU A 169 12.64 -14.43 -14.23
CA GLU A 169 12.14 -13.46 -13.24
C GLU A 169 12.73 -13.79 -11.88
N PRO A 170 13.09 -12.78 -11.12
CA PRO A 170 13.68 -13.05 -9.79
C PRO A 170 12.62 -13.38 -8.71
N HIS A 171 11.43 -12.75 -8.75
CA HIS A 171 10.31 -12.97 -7.83
C HIS A 171 10.82 -13.13 -6.40
N PHE A 172 11.67 -12.19 -5.95
CA PHE A 172 12.38 -12.39 -4.68
C PHE A 172 11.81 -11.51 -3.60
N VAL A 173 11.38 -12.16 -2.52
CA VAL A 173 10.88 -11.46 -1.35
CA VAL A 173 10.88 -11.42 -1.38
C VAL A 173 12.07 -11.10 -0.50
N GLN A 174 12.38 -9.80 -0.51
CA GLN A 174 13.58 -9.27 0.08
C GLN A 174 13.52 -9.34 1.58
N GLU A 175 14.63 -9.06 2.25
CA GLU A 175 14.68 -9.10 3.69
C GLU A 175 13.80 -8.06 4.40
N ASP A 176 13.45 -7.01 3.67
CA ASP A 176 12.53 -6.00 4.19
C ASP A 176 11.09 -6.24 3.74
N MET A 177 10.74 -7.46 3.36
CA MET A 177 9.41 -7.75 2.89
C MET A 177 8.83 -8.90 3.64
N VAL A 178 7.51 -9.01 3.55
CA VAL A 178 6.76 -10.11 4.13
C VAL A 178 5.65 -10.44 3.10
N CYS A 179 5.01 -11.59 3.25
CA CYS A 179 3.90 -11.88 2.36
C CYS A 179 2.63 -12.06 3.14
N ALA A 180 1.51 -12.15 2.44
CA ALA A 180 0.25 -12.47 3.13
C ALA A 180 -0.69 -12.98 2.11
N GLY A 181 -1.50 -13.97 2.47
CA GLY A 181 -2.45 -14.47 1.51
C GLY A 181 -2.54 -15.96 1.61
N TYR A 182 -2.71 -16.58 0.47
CA TYR A 182 -3.10 -17.99 0.38
C TYR A 182 -2.28 -18.69 -0.67
N VAL A 183 -2.05 -19.97 -0.54
CA VAL A 183 -1.40 -20.67 -1.62
C VAL A 183 -2.36 -20.98 -2.73
N GLU A 184 -3.64 -21.11 -2.46
CA GLU A 184 -4.57 -21.34 -3.55
CA GLU A 184 -4.70 -21.27 -3.44
C GLU A 184 -4.86 -19.98 -4.21
N GLY A 185 -5.51 -20.02 -5.36
CA GLY A 185 -5.72 -18.80 -6.13
C GLY A 185 -6.89 -18.00 -5.60
N GLY A 186 -7.10 -16.88 -6.22
CA GLY A 186 -8.35 -16.17 -6.13
C GLY A 186 -8.48 -15.11 -5.07
N LYS A 187 -7.48 -14.85 -4.23
CA LYS A 187 -7.59 -13.91 -3.14
C LYS A 187 -6.30 -13.12 -3.07
N ASP A 188 -6.25 -11.92 -3.61
CA ASP A 188 -5.02 -11.21 -3.73
C ASP A 188 -5.19 -9.75 -4.02
N ALA A 189 -4.15 -8.97 -3.80
CA ALA A 189 -4.05 -7.60 -4.32
C ALA A 189 -3.63 -7.59 -5.72
N CYS A 190 -4.07 -6.58 -6.47
CA CYS A 190 -3.89 -6.58 -7.93
C CYS A 190 -3.39 -5.22 -8.40
N GLN A 191 -3.30 -5.03 -9.70
CA GLN A 191 -2.83 -3.78 -10.26
C GLN A 191 -3.68 -2.65 -9.74
N GLY A 192 -3.06 -1.63 -9.18
CA GLY A 192 -3.78 -0.48 -8.66
C GLY A 192 -3.88 -0.56 -7.15
N ASP A 193 -3.61 -1.71 -6.54
CA ASP A 193 -3.60 -1.82 -5.09
C ASP A 193 -2.26 -1.55 -4.52
N SER A 194 -1.22 -1.61 -5.34
CA SER A 194 0.13 -1.53 -4.82
C SER A 194 0.41 -0.18 -4.20
N GLY A 195 1.31 -0.12 -3.21
CA GLY A 195 1.47 1.08 -2.45
C GLY A 195 0.53 1.15 -1.24
N GLY A 196 -0.59 0.39 -1.28
CA GLY A 196 -1.60 0.52 -0.21
C GLY A 196 -1.22 -0.28 1.04
N PRO A 197 -2.05 -0.17 2.04
CA PRO A 197 -1.78 -0.77 3.35
C PRO A 197 -2.11 -2.22 3.54
N LEU A 198 -1.20 -2.86 4.28
CA LEU A 198 -1.55 -4.10 4.97
C LEU A 198 -1.71 -3.70 6.43
N SER A 199 -2.94 -3.68 6.91
CA SER A 199 -3.27 -3.22 8.23
C SER A 199 -3.41 -4.45 9.15
N CYS A 200 -2.68 -4.46 10.26
CA CYS A 200 -2.75 -5.61 11.13
C CYS A 200 -3.27 -5.22 12.50
N PRO A 201 -4.04 -6.11 13.14
CA PRO A 201 -4.62 -5.81 14.45
C PRO A 201 -3.62 -6.12 15.55
N VAL A 202 -3.44 -5.20 16.45
CA VAL A 202 -2.60 -5.41 17.63
C VAL A 202 -3.20 -4.71 18.84
N GLU A 203 -3.51 -5.50 19.85
CA GLU A 203 -4.04 -4.98 21.13
C GLU A 203 -5.19 -3.98 20.93
N GLY A 204 -6.14 -4.30 20.05
CA GLY A 204 -7.31 -3.46 19.84
C GLY A 204 -7.11 -2.35 18.87
N LEU A 205 -5.88 -2.13 18.42
CA LEU A 205 -5.54 -1.09 17.47
C LEU A 205 -5.14 -1.71 16.15
N TRP A 206 -4.83 -0.86 15.19
CA TRP A 206 -4.38 -1.26 13.85
C TRP A 206 -3.05 -0.61 13.57
N TYR A 207 -2.10 -1.39 13.02
CA TYR A 207 -0.80 -0.86 12.59
C TYR A 207 -0.57 -1.11 11.14
N LEU A 208 0.23 -0.24 10.56
CA LEU A 208 0.66 -0.46 9.18
C LEU A 208 1.81 -1.46 9.12
N THR A 209 1.51 -2.73 8.89
CA THR A 209 2.55 -3.72 8.89
C THR A 209 3.28 -3.69 7.58
N GLY A 210 2.52 -3.49 6.51
CA GLY A 210 3.11 -3.59 5.19
C GLY A 210 2.57 -2.60 4.20
N ILE A 211 3.31 -2.43 3.12
CA ILE A 211 2.94 -1.56 2.02
C ILE A 211 3.01 -2.47 0.81
N VAL A 212 1.93 -2.60 0.05
CA VAL A 212 1.92 -3.55 -1.06
C VAL A 212 3.06 -3.24 -2.03
N SER A 213 3.90 -4.24 -2.27
CA SER A 213 5.04 -4.10 -3.15
C SER A 213 4.84 -4.75 -4.52
N TRP A 214 5.85 -5.49 -5.01
CA TRP A 214 5.90 -5.89 -6.43
C TRP A 214 4.93 -6.99 -6.73
N GLY A 215 4.61 -7.08 -8.01
CA GLY A 215 3.85 -8.22 -8.48
C GLY A 215 3.00 -7.96 -9.68
N ASP A 216 2.89 -8.97 -10.53
CA ASP A 216 1.92 -8.96 -11.61
C ASP A 216 0.67 -9.75 -11.19
N ALA A 217 0.88 -10.75 -10.35
CA ALA A 217 -0.15 -11.75 -10.11
C ALA A 217 -1.39 -11.06 -9.56
N CYS A 218 -2.57 -11.52 -9.98
CA CYS A 218 -3.82 -11.11 -9.34
C CYS A 218 -4.64 -12.37 -9.12
N GLY A 219 -4.33 -13.11 -8.06
CA GLY A 219 -5.14 -14.27 -7.71
C GLY A 219 -4.57 -15.60 -8.21
N ALA A 220 -3.38 -15.58 -8.79
CA ALA A 220 -2.75 -16.81 -9.18
C ALA A 220 -2.43 -17.63 -7.96
N ARG A 221 -2.46 -18.94 -8.12
CA ARG A 221 -1.94 -19.78 -7.03
C ARG A 221 -0.45 -19.54 -6.81
N ASN A 222 -0.07 -19.77 -5.54
CA ASN A 222 1.36 -19.69 -5.17
C ASN A 222 1.94 -18.33 -5.40
N ARG A 223 1.13 -17.28 -5.27
CA ARG A 223 1.64 -15.92 -5.47
C ARG A 223 0.96 -15.02 -4.47
N PRO A 224 1.15 -15.30 -3.18
CA PRO A 224 0.57 -14.37 -2.20
C PRO A 224 1.21 -13.01 -2.29
N GLY A 225 0.44 -12.03 -1.87
CA GLY A 225 0.86 -10.65 -2.00
C GLY A 225 2.18 -10.44 -1.24
N VAL A 226 3.05 -9.61 -1.79
CA VAL A 226 4.34 -9.24 -1.23
C VAL A 226 4.27 -7.79 -0.77
N TYR A 227 4.79 -7.55 0.42
CA TYR A 227 4.65 -6.26 1.09
C TYR A 227 5.98 -5.79 1.63
N THR A 228 6.29 -4.50 1.56
CA THR A 228 7.41 -3.95 2.28
C THR A 228 7.02 -3.79 3.73
N LEU A 229 7.87 -4.24 4.64
CA LEU A 229 7.61 -4.04 6.09
C LEU A 229 7.85 -2.63 6.50
N ALA A 230 6.79 -2.00 7.03
CA ALA A 230 6.99 -0.66 7.57
C ALA A 230 8.01 -0.65 8.68
N SER A 231 8.11 -1.72 9.47
CA SER A 231 9.11 -1.80 10.54
C SER A 231 10.51 -1.62 9.99
N SER A 232 10.81 -2.09 8.78
CA SER A 232 12.15 -1.96 8.22
C SER A 232 12.51 -0.52 7.98
N TYR A 233 11.50 0.38 7.97
CA TYR A 233 11.76 1.78 7.69
C TYR A 233 11.30 2.67 8.80
N ALA A 234 11.02 2.14 9.98
CA ALA A 234 10.61 3.01 11.07
C ALA A 234 11.65 4.07 11.43
N SER A 235 12.91 3.68 11.45
CA SER A 235 13.96 4.63 11.80
C SER A 235 14.12 5.68 10.71
N TRP A 236 14.12 5.27 9.44
CA TRP A 236 14.26 6.19 8.34
C TRP A 236 13.09 7.15 8.30
N ILE A 237 11.86 6.64 8.47
CA ILE A 237 10.68 7.52 8.47
C ILE A 237 10.81 8.52 9.61
N GLN A 238 11.14 8.08 10.82
CA GLN A 238 11.20 9.05 11.93
C GLN A 238 12.32 10.03 11.67
N SER A 239 13.47 9.58 11.19
CA SER A 239 14.50 10.54 10.89
C SER A 239 14.11 11.58 9.85
N LYS A 240 13.56 11.13 8.73
CA LYS A 240 13.20 12.03 7.64
C LYS A 240 12.14 13.01 8.06
N VAL A 241 11.07 12.55 8.66
CA VAL A 241 9.98 13.47 9.00
CA VAL A 241 10.00 13.50 8.95
C VAL A 241 10.39 14.42 10.10
N THR A 242 11.18 13.96 11.02
CA THR A 242 11.60 14.86 12.13
C THR A 242 12.51 15.96 11.59
N GLU A 243 13.43 15.63 10.68
CA GLU A 243 14.30 16.67 10.09
C GLU A 243 13.49 17.60 9.21
N LEU A 244 12.61 17.08 8.38
CA LEU A 244 11.92 17.87 7.35
C LEU A 244 10.69 18.57 7.86
N GLN A 245 10.02 18.03 8.87
CA GLN A 245 8.83 18.65 9.39
C GLN A 245 8.65 18.35 10.89
N PRO A 246 9.50 18.95 11.72
CA PRO A 246 9.46 18.66 13.16
C PRO A 246 8.09 19.01 13.76
N ARG A 247 7.57 18.19 14.65
CA ARG A 247 6.31 18.57 15.34
C ARG A 247 6.61 19.59 16.43
CA CA B . -0.87 -9.78 -6.38
C1 GOL C . 7.27 -10.69 9.44
O1 GOL C . 7.22 -12.06 9.07
C2 GOL C . 8.12 -10.59 10.69
O2 GOL C . 7.46 -11.33 11.71
C3 GOL C . 8.26 -9.11 11.06
O3 GOL C . 6.93 -8.66 11.30
C1 GOL D . -4.81 3.57 13.95
O1 GOL D . -3.48 3.10 13.89
C2 GOL D . -4.83 4.02 15.38
O2 GOL D . -3.76 4.93 15.63
C3 GOL D . -4.73 2.71 16.16
O3 GOL D . -5.66 1.89 15.48
#